data_1C9Z
# 
_entry.id   1C9Z 
# 
_audit_conform.dict_name       mmcif_pdbx.dic 
_audit_conform.dict_version    5.390 
_audit_conform.dict_location   http://mmcif.pdb.org/dictionaries/ascii/mmcif_pdbx.dic 
# 
loop_
_database_2.database_id 
_database_2.database_code 
_database_2.pdbx_database_accession 
_database_2.pdbx_DOI 
PDB   1C9Z         pdb_00001c9z 10.2210/pdb1c9z/pdb 
NDB   DD0018       ?            ?                   
RCSB  RCSB009476   ?            ?                   
WWPDB D_1000009476 ?            ?                   
# 
loop_
_pdbx_audit_revision_history.ordinal 
_pdbx_audit_revision_history.data_content_type 
_pdbx_audit_revision_history.major_revision 
_pdbx_audit_revision_history.minor_revision 
_pdbx_audit_revision_history.revision_date 
1 'Structure model' 1 0 2000-04-02 
2 'Structure model' 1 1 2008-04-27 
3 'Structure model' 1 2 2011-07-13 
4 'Structure model' 1 3 2011-12-07 
5 'Structure model' 1 4 2024-02-07 
6 'Structure model' 1 5 2024-04-17 
# 
_pdbx_audit_revision_details.ordinal             1 
_pdbx_audit_revision_details.revision_ordinal    1 
_pdbx_audit_revision_details.data_content_type   'Structure model' 
_pdbx_audit_revision_details.provider            repository 
_pdbx_audit_revision_details.type                'Initial release' 
_pdbx_audit_revision_details.description         ? 
_pdbx_audit_revision_details.details             ? 
# 
loop_
_pdbx_audit_revision_group.ordinal 
_pdbx_audit_revision_group.revision_ordinal 
_pdbx_audit_revision_group.data_content_type 
_pdbx_audit_revision_group.group 
1 2 'Structure model' 'Version format compliance' 
2 3 'Structure model' 'Version format compliance' 
3 4 'Structure model' 'Database references'       
4 5 'Structure model' Advisory                    
5 5 'Structure model' 'Data collection'           
6 5 'Structure model' 'Database references'       
7 5 'Structure model' 'Derived calculations'      
8 6 'Structure model' Other                       
# 
loop_
_pdbx_audit_revision_category.ordinal 
_pdbx_audit_revision_category.revision_ordinal 
_pdbx_audit_revision_category.data_content_type 
_pdbx_audit_revision_category.category 
1 5 'Structure model' chem_comp_atom               
2 5 'Structure model' chem_comp_bond               
3 5 'Structure model' database_2                   
4 5 'Structure model' pdbx_unobs_or_zero_occ_atoms 
5 5 'Structure model' struct_conn                  
6 5 'Structure model' struct_site                  
7 6 'Structure model' pdbx_database_status         
# 
loop_
_pdbx_audit_revision_item.ordinal 
_pdbx_audit_revision_item.revision_ordinal 
_pdbx_audit_revision_item.data_content_type 
_pdbx_audit_revision_item.item 
1 5 'Structure model' '_database_2.pdbx_DOI'                 
2 5 'Structure model' '_database_2.pdbx_database_accession'  
3 5 'Structure model' '_struct_conn.pdbx_leaving_atom_flag'  
4 5 'Structure model' '_struct_site.pdbx_auth_asym_id'       
5 5 'Structure model' '_struct_site.pdbx_auth_comp_id'       
6 5 'Structure model' '_struct_site.pdbx_auth_seq_id'        
7 6 'Structure model' '_pdbx_database_status.status_code_sf' 
# 
_pdbx_database_status.status_code                     REL 
_pdbx_database_status.entry_id                        1C9Z 
_pdbx_database_status.recvd_initial_deposition_date   1999-08-03 
_pdbx_database_status.deposit_site                    RCSB 
_pdbx_database_status.process_site                    RCSB 
_pdbx_database_status.SG_entry                        . 
_pdbx_database_status.status_code_sf                  REL 
_pdbx_database_status.status_code_mr                  ? 
_pdbx_database_status.status_code_cs                  ? 
_pdbx_database_status.pdb_format_compatible           Y 
_pdbx_database_status.status_code_nmr_data            ? 
_pdbx_database_status.methods_development_category    ? 
# 
_pdbx_database_related.db_name        PDB 
_pdbx_database_related.db_id          1D32 
_pdbx_database_related.details        DITERCALINIUM-CGCG 
_pdbx_database_related.content_type   unspecified 
# 
_audit_author.name               'Williams, L.D.' 
_audit_author.pdbx_ordinal       1 
_audit_author.identifier_ORCID   ? 
# 
_citation.id                        primary 
_citation.title                     
;Effects of cationic charge on three-dimensional structures of intercalative complexes: structure of a bis-intercalated DNA complex solved by MAD phasing.
;
_citation.journal_abbrev            Curr.Med.Chem. 
_citation.journal_volume            7 
_citation.page_first                59 
_citation.page_last                 71 
_citation.year                      2000 
_citation.journal_id_ASTM           ? 
_citation.country                   NE 
_citation.journal_id_ISSN           0929-8673 
_citation.journal_id_CSD            ? 
_citation.book_publisher            ? 
_citation.pdbx_database_id_PubMed   10637357 
_citation.pdbx_database_id_DOI      ? 
# 
loop_
_citation_author.citation_id 
_citation_author.name 
_citation_author.ordinal 
_citation_author.identifier_ORCID 
primary 'Shui, X.'                 1 ? 
primary 'Peek, M.E.'               2 ? 
primary 'Lipscomb, L.A.'           3 ? 
primary 'Gao, Q.'                  4 ? 
primary 'Ogata, C.'                5 ? 
primary 'Roques, B.P.'             6 ? 
primary 'Garbay-Jaureguiberry, C.' 7 ? 
primary 'Wilkinson, A.P.'          8 ? 
primary 'Williams, L.D.'           9 ? 
# 
loop_
_entity.id 
_entity.type 
_entity.src_method 
_entity.pdbx_description 
_entity.formula_weight 
_entity.pdbx_number_of_molecules 
_entity.pdbx_ec 
_entity.pdbx_mutation 
_entity.pdbx_fragment 
_entity.details 
1 polymer     syn "5'-D(*CP*GP*TP*AP*CP*G)-3'"                                                           1809.217 1 ? ? ? 
'COMPLEXED WITH BIS-INTERCALATOR D232' 
2 non-polymer syn '1,3-DI[[[10-METHOXY-7H-PYRIDO[4,3-C]CARBAZOL-2-IUMYL]-ETHYL]-PIPERIDIN-4-YL]-PROPANE' 761.008  1 ? ? ? ? 
# 
_entity_poly.entity_id                      1 
_entity_poly.type                           polydeoxyribonucleotide 
_entity_poly.nstd_linkage                   no 
_entity_poly.nstd_monomer                   no 
_entity_poly.pdbx_seq_one_letter_code       '(DC)(DG)(DT)(DA)(DC)(DG)' 
_entity_poly.pdbx_seq_one_letter_code_can   CGTACG 
_entity_poly.pdbx_strand_id                 A 
_entity_poly.pdbx_target_identifier         ? 
# 
_pdbx_entity_nonpoly.entity_id   2 
_pdbx_entity_nonpoly.name        '1,3-DI[[[10-METHOXY-7H-PYRIDO[4,3-C]CARBAZOL-2-IUMYL]-ETHYL]-PIPERIDIN-4-YL]-PROPANE' 
_pdbx_entity_nonpoly.comp_id     232 
# 
loop_
_entity_poly_seq.entity_id 
_entity_poly_seq.num 
_entity_poly_seq.mon_id 
_entity_poly_seq.hetero 
1 1 DC n 
1 2 DG n 
1 3 DT n 
1 4 DA n 
1 5 DC n 
1 6 DG n 
# 
_pdbx_entity_src_syn.entity_id              1 
_pdbx_entity_src_syn.pdbx_src_id            1 
_pdbx_entity_src_syn.pdbx_alt_source_flag   sample 
_pdbx_entity_src_syn.pdbx_beg_seq_num       ? 
_pdbx_entity_src_syn.pdbx_end_seq_num       ? 
_pdbx_entity_src_syn.organism_scientific    ? 
_pdbx_entity_src_syn.organism_common_name   ? 
_pdbx_entity_src_syn.ncbi_taxonomy_id       ? 
_pdbx_entity_src_syn.details                SYNTHETIC 
# 
loop_
_chem_comp.id 
_chem_comp.type 
_chem_comp.mon_nstd_flag 
_chem_comp.name 
_chem_comp.pdbx_synonyms 
_chem_comp.formula 
_chem_comp.formula_weight 
232 non-polymer   . '1,3-DI[[[10-METHOXY-7H-PYRIDO[4,3-C]CARBAZOL-2-IUMYL]-ETHYL]-PIPERIDIN-4-YL]-PROPANE' 'BIS INTERCALATOR D232' 
'C49 H56 N6 O2 2' 761.008 
DA  'DNA linking' y "2'-DEOXYADENOSINE-5'-MONOPHOSPHATE"                                                   ?                       
'C10 H14 N5 O6 P' 331.222 
DC  'DNA linking' y "2'-DEOXYCYTIDINE-5'-MONOPHOSPHATE"                                                    ?                       
'C9 H14 N3 O7 P'  307.197 
DG  'DNA linking' y "2'-DEOXYGUANOSINE-5'-MONOPHOSPHATE"                                                   ?                       
'C10 H14 N5 O7 P' 347.221 
DT  'DNA linking' y "THYMIDINE-5'-MONOPHOSPHATE"                                                           ?                       
'C10 H15 N2 O8 P' 322.208 
# 
loop_
_pdbx_poly_seq_scheme.asym_id 
_pdbx_poly_seq_scheme.entity_id 
_pdbx_poly_seq_scheme.seq_id 
_pdbx_poly_seq_scheme.mon_id 
_pdbx_poly_seq_scheme.ndb_seq_num 
_pdbx_poly_seq_scheme.pdb_seq_num 
_pdbx_poly_seq_scheme.auth_seq_num 
_pdbx_poly_seq_scheme.pdb_mon_id 
_pdbx_poly_seq_scheme.auth_mon_id 
_pdbx_poly_seq_scheme.pdb_strand_id 
_pdbx_poly_seq_scheme.pdb_ins_code 
_pdbx_poly_seq_scheme.hetero 
A 1 1 DC 1 1 1 DC C A . n 
A 1 2 DG 2 2 2 DG G A . n 
A 1 3 DT 3 3 3 DT T A . n 
A 1 4 DA 4 4 4 DA A A . n 
A 1 5 DC 5 5 5 DC C A . n 
A 1 6 DG 6 6 6 DG G A . n 
# 
_pdbx_nonpoly_scheme.asym_id         B 
_pdbx_nonpoly_scheme.entity_id       2 
_pdbx_nonpoly_scheme.mon_id          232 
_pdbx_nonpoly_scheme.ndb_seq_num     1 
_pdbx_nonpoly_scheme.pdb_seq_num     7 
_pdbx_nonpoly_scheme.auth_seq_num    7 
_pdbx_nonpoly_scheme.pdb_mon_id      232 
_pdbx_nonpoly_scheme.auth_mon_id     232 
_pdbx_nonpoly_scheme.pdb_strand_id   A 
_pdbx_nonpoly_scheme.pdb_ins_code    . 
# 
loop_
_software.name 
_software.classification 
_software.version 
_software.citation_id 
_software.pdbx_ordinal 
_software.date 
_software.type 
_software.location 
_software.language 
MADSYS phasing          .     ? 1 ? ? ? ? 
X-PLOR refinement       3.851 ? 2 ? ? ? ? 
SDMS   'data reduction' .     ? 3 ? ? ? ? 
SDMS   'data scaling'   .     ? 4 ? ? ? ? 
# 
_cell.entry_id           1C9Z 
_cell.length_a           28.240 
_cell.length_b           28.240 
_cell.length_c           72.744 
_cell.angle_alpha        90.00 
_cell.angle_beta         90.00 
_cell.angle_gamma        120.00 
_cell.Z_PDB              12 
_cell.pdbx_unique_axis   ? 
_cell.length_a_esd       ? 
_cell.length_b_esd       ? 
_cell.length_c_esd       ? 
_cell.angle_alpha_esd    ? 
_cell.angle_beta_esd     ? 
_cell.angle_gamma_esd    ? 
# 
_symmetry.entry_id                         1C9Z 
_symmetry.space_group_name_H-M             'P 65 2 2' 
_symmetry.pdbx_full_space_group_name_H-M   ? 
_symmetry.cell_setting                     hexagonal 
_symmetry.Int_Tables_number                179 
_symmetry.space_group_name_Hall            ? 
# 
_exptl.entry_id          1C9Z 
_exptl.method            'X-RAY DIFFRACTION' 
_exptl.crystals_number   1 
# 
_exptl_crystal.id                    1 
_exptl_crystal.density_meas          ? 
_exptl_crystal.density_percent_sol   44.50 
_exptl_crystal.density_Matthews      2.22 
_exptl_crystal.description           ? 
_exptl_crystal.F_000                 ? 
_exptl_crystal.preparation           ? 
# 
_exptl_crystal_grow.crystal_id      1 
_exptl_crystal_grow.method          'VAPOR DIFFUSION, SITTING DROP' 
_exptl_crystal_grow.temp            300 
_exptl_crystal_grow.temp_details    ? 
_exptl_crystal_grow.pH              6.0 
_exptl_crystal_grow.pdbx_details    
'MPD, SPERMINE, MAGNESIUM CHLORIDE, SODIUM CACODYLATE, pH 6.0, VAPOR DIFFUSION, SITTING DROP, temperature 300K' 
_exptl_crystal_grow.pdbx_pH_range   ? 
# 
loop_
_exptl_crystal_grow_comp.crystal_id 
_exptl_crystal_grow_comp.id 
_exptl_crystal_grow_comp.sol_id 
_exptl_crystal_grow_comp.name 
_exptl_crystal_grow_comp.volume 
_exptl_crystal_grow_comp.conc 
_exptl_crystal_grow_comp.details 
1 1 1 SPERMINE            ? ? ? 
1 2 1 MGCL2               ? ? ? 
1 3 1 'SODIUM CACODYLATE' ? ? ? 
1 4 1 MPD                 ? ? ? 
1 5 2 MPD                 ? ? ? 
# 
_diffrn.id                     1 
_diffrn.ambient_temp           300 
_diffrn.ambient_temp_details   ? 
_diffrn.crystal_id             1 
# 
_diffrn_detector.diffrn_id              1 
_diffrn_detector.detector               'AREA DETECTOR' 
_diffrn_detector.type                   'UCSD MARK II' 
_diffrn_detector.pdbx_collection_date   1995-09-09 
_diffrn_detector.details                ? 
# 
_diffrn_radiation.diffrn_id                        1 
_diffrn_radiation.wavelength_id                    1 
_diffrn_radiation.pdbx_monochromatic_or_laue_m_l   M 
_diffrn_radiation.monochromator                    ? 
_diffrn_radiation.pdbx_diffrn_protocol             'SINGLE WAVELENGTH' 
_diffrn_radiation.pdbx_scattering_type             x-ray 
# 
_diffrn_radiation_wavelength.id           1 
_diffrn_radiation_wavelength.wavelength   1.5418 
_diffrn_radiation_wavelength.wt           1.0 
# 
_diffrn_source.diffrn_id                   1 
_diffrn_source.source                      'ROTATING ANODE' 
_diffrn_source.type                        'RIGAKU RU200' 
_diffrn_source.pdbx_synchrotron_site       ? 
_diffrn_source.pdbx_synchrotron_beamline   ? 
_diffrn_source.pdbx_wavelength             1.5418 
_diffrn_source.pdbx_wavelength_list        ? 
# 
_reflns.entry_id                     1C9Z 
_reflns.observed_criterion_sigma_I   4.0 
_reflns.observed_criterion_sigma_F   2.0 
_reflns.d_resolution_low             10.0 
_reflns.d_resolution_high            2.4 
_reflns.number_obs                   4698 
_reflns.number_all                   5220 
_reflns.percent_possible_obs         91 
_reflns.pdbx_Rmerge_I_obs            0.0510000 
_reflns.pdbx_Rsym_value              ? 
_reflns.pdbx_netI_over_sigmaI        9.2 
_reflns.B_iso_Wilson_estimate        21 
_reflns.pdbx_redundancy              3.2 
_reflns.R_free_details               ? 
_reflns.pdbx_chi_squared             ? 
_reflns.pdbx_scaling_rejects         ? 
_reflns.pdbx_ordinal                 1 
_reflns.pdbx_diffrn_id               1 
_reflns.pdbx_CC_half                 ? 
_reflns.pdbx_CC_star                 ? 
_reflns.pdbx_Rpim_I_all              ? 
_reflns.pdbx_Rrim_I_all              ? 
# 
_reflns_shell.d_res_high             2.4 
_reflns_shell.d_res_low              2.51 
_reflns_shell.percent_possible_all   84 
_reflns_shell.Rmerge_I_obs           0.0600000 
_reflns_shell.pdbx_Rsym_value        ? 
_reflns_shell.meanI_over_sigI_obs    ? 
_reflns_shell.pdbx_redundancy        4.2 
_reflns_shell.percent_possible_obs   ? 
_reflns_shell.number_unique_all      ? 
_reflns_shell.number_measured_all    ? 
_reflns_shell.number_measured_obs    ? 
_reflns_shell.number_unique_obs      ? 
_reflns_shell.pdbx_chi_squared       ? 
_reflns_shell.pdbx_ordinal           1 
_reflns_shell.pdbx_diffrn_id         1 
_reflns_shell.pdbx_CC_half           ? 
_reflns_shell.pdbx_CC_star           ? 
_reflns_shell.pdbx_Rpim_I_all        ? 
_reflns_shell.pdbx_Rrim_I_all        ? 
# 
_refine.entry_id                                 1C9Z 
_refine.ls_number_reflns_obs                     4682 
_refine.ls_number_reflns_all                     5220 
_refine.pdbx_ls_sigma_I                          2. 
_refine.pdbx_ls_sigma_F                          4. 
_refine.pdbx_data_cutoff_high_absF               ? 
_refine.pdbx_data_cutoff_low_absF                ? 
_refine.pdbx_data_cutoff_high_rms_absF           ? 
_refine.ls_d_res_low                             10 
_refine.ls_d_res_high                            2.4 
_refine.ls_percent_reflns_obs                    90 
_refine.ls_R_factor_obs                          0.1961000 
_refine.ls_R_factor_all                          ? 
_refine.ls_R_factor_R_work                       0.1961000 
_refine.ls_R_factor_R_free                       0.1961000 
_refine.ls_R_factor_R_free_error                 ? 
_refine.ls_R_factor_R_free_error_details         ? 
_refine.ls_percent_reflns_R_free                 ? 
_refine.ls_number_reflns_R_free                  99 
_refine.ls_number_parameters                     ? 
_refine.ls_number_restraints                     ? 
_refine.occupancy_min                            ? 
_refine.occupancy_max                            ? 
_refine.B_iso_mean                               ? 
_refine.aniso_B[1][1]                            ? 
_refine.aniso_B[2][2]                            ? 
_refine.aniso_B[3][3]                            ? 
_refine.aniso_B[1][2]                            ? 
_refine.aniso_B[1][3]                            ? 
_refine.aniso_B[2][3]                            ? 
_refine.solvent_model_details                    ? 
_refine.solvent_model_param_ksol                 ? 
_refine.solvent_model_param_bsol                 ? 
_refine.pdbx_ls_cross_valid_method               ? 
_refine.details                                  ? 
_refine.pdbx_starting_model                      ? 
_refine.pdbx_method_to_determine_struct          ? 
_refine.pdbx_isotropic_thermal_model             ? 
_refine.pdbx_stereochemistry_target_values       'PARKINSON ET AL.' 
_refine.pdbx_stereochem_target_val_spec_case     ? 
_refine.pdbx_R_Free_selection_details            RANDOM 
_refine.pdbx_overall_ESU_R                       ? 
_refine.pdbx_overall_ESU_R_Free                  ? 
_refine.overall_SU_ML                            ? 
_refine.overall_SU_B                             ? 
_refine.ls_redundancy_reflns_obs                 ? 
_refine.correlation_coeff_Fo_to_Fc               ? 
_refine.correlation_coeff_Fo_to_Fc_free          ? 
_refine.overall_SU_R_Cruickshank_DPI             ? 
_refine.overall_SU_R_free                        ? 
_refine.pdbx_refine_id                           'X-RAY DIFFRACTION' 
_refine.pdbx_overall_phase_error                 ? 
_refine.pdbx_solvent_vdw_probe_radii             ? 
_refine.pdbx_solvent_ion_probe_radii             ? 
_refine.pdbx_solvent_shrinkage_radii             ? 
_refine.ls_wR_factor_R_free                      ? 
_refine.ls_wR_factor_R_work                      ? 
_refine.overall_FOM_free_R_set                   ? 
_refine.overall_FOM_work_R_set                   ? 
_refine.pdbx_diffrn_id                           1 
_refine.pdbx_TLS_residual_ADP_flag               ? 
_refine.pdbx_overall_SU_R_free_Cruickshank_DPI   ? 
_refine.pdbx_overall_SU_R_Blow_DPI               ? 
_refine.pdbx_overall_SU_R_free_Blow_DPI          ? 
# 
_refine_hist.pdbx_refine_id                   'X-RAY DIFFRACTION' 
_refine_hist.cycle_id                         LAST 
_refine_hist.pdbx_number_atoms_protein        0 
_refine_hist.pdbx_number_atoms_nucleic_acid   120 
_refine_hist.pdbx_number_atoms_ligand         29 
_refine_hist.number_atoms_solvent             0 
_refine_hist.number_atoms_total               149 
_refine_hist.d_res_high                       2.4 
_refine_hist.d_res_low                        10 
# 
_struct.entry_id                  1C9Z 
_struct.title                     D232-CGTACG 
_struct.pdbx_model_details        ? 
_struct.pdbx_CASP_flag            ? 
_struct.pdbx_model_type_details   ? 
# 
_struct_keywords.entry_id        1C9Z 
_struct_keywords.pdbx_keywords   DNA 
_struct_keywords.text            'DNA, INTERCALATOR, INTERCALATION, DRUG, MAJOR GROOVE' 
# 
loop_
_struct_asym.id 
_struct_asym.pdbx_blank_PDB_chainid_flag 
_struct_asym.pdbx_modified 
_struct_asym.entity_id 
_struct_asym.details 
A N N 1 ? 
B N N 2 ? 
# 
_struct_ref.id                         1 
_struct_ref.entity_id                  1 
_struct_ref.db_name                    PDB 
_struct_ref.db_code                    1C9Z 
_struct_ref.pdbx_db_accession          1C9Z 
_struct_ref.pdbx_align_begin           ? 
_struct_ref.pdbx_seq_one_letter_code   ? 
_struct_ref.pdbx_db_isoform            ? 
# 
_struct_ref_seq.align_id                      1 
_struct_ref_seq.ref_id                        1 
_struct_ref_seq.pdbx_PDB_id_code              1C9Z 
_struct_ref_seq.pdbx_strand_id                A 
_struct_ref_seq.seq_align_beg                 1 
_struct_ref_seq.pdbx_seq_align_beg_ins_code   ? 
_struct_ref_seq.seq_align_end                 6 
_struct_ref_seq.pdbx_seq_align_end_ins_code   ? 
_struct_ref_seq.pdbx_db_accession             1C9Z 
_struct_ref_seq.db_align_beg                  1 
_struct_ref_seq.pdbx_db_align_beg_ins_code    ? 
_struct_ref_seq.db_align_end                  6 
_struct_ref_seq.pdbx_db_align_end_ins_code    ? 
_struct_ref_seq.pdbx_auth_seq_align_beg       1 
_struct_ref_seq.pdbx_auth_seq_align_end       6 
# 
_pdbx_struct_assembly.id                   1 
_pdbx_struct_assembly.details              author_defined_assembly 
_pdbx_struct_assembly.method_details       ? 
_pdbx_struct_assembly.oligomeric_details   dimeric 
_pdbx_struct_assembly.oligomeric_count     2 
# 
_pdbx_struct_assembly_gen.assembly_id       1 
_pdbx_struct_assembly_gen.oper_expression   1,2 
_pdbx_struct_assembly_gen.asym_id_list      A,B 
# 
loop_
_pdbx_struct_oper_list.id 
_pdbx_struct_oper_list.type 
_pdbx_struct_oper_list.name 
_pdbx_struct_oper_list.symmetry_operation 
_pdbx_struct_oper_list.matrix[1][1] 
_pdbx_struct_oper_list.matrix[1][2] 
_pdbx_struct_oper_list.matrix[1][3] 
_pdbx_struct_oper_list.vector[1] 
_pdbx_struct_oper_list.matrix[2][1] 
_pdbx_struct_oper_list.matrix[2][2] 
_pdbx_struct_oper_list.matrix[2][3] 
_pdbx_struct_oper_list.vector[2] 
_pdbx_struct_oper_list.matrix[3][1] 
_pdbx_struct_oper_list.matrix[3][2] 
_pdbx_struct_oper_list.matrix[3][3] 
_pdbx_struct_oper_list.vector[3] 
1 'identity operation'         1_555  x,y,z         1.0000000000  0.0000000000  0.0000000000 0.0000000000  0.0000000000  1.0000000000  0.0000000000  0.0000000000  0.0000000000 0.0000000000  1.0000000000  0.0000000000 
2 'crystal symmetry operation' 11_556 -x+y,y,-z+3/2 -0.0027507166 -0.9489972453 0.3152723615 -3.5481315178 -0.9489972453 -0.0969201115 -0.3000178667 -2.5602786754 0.3152723615 -0.3000178667 -0.9003291719 3.5165600876 
# 
loop_
_struct_conn.id 
_struct_conn.conn_type_id 
_struct_conn.pdbx_leaving_atom_flag 
_struct_conn.pdbx_PDB_id 
_struct_conn.ptnr1_label_asym_id 
_struct_conn.ptnr1_label_comp_id 
_struct_conn.ptnr1_label_seq_id 
_struct_conn.ptnr1_label_atom_id 
_struct_conn.pdbx_ptnr1_label_alt_id 
_struct_conn.pdbx_ptnr1_PDB_ins_code 
_struct_conn.pdbx_ptnr1_standard_comp_id 
_struct_conn.ptnr1_symmetry 
_struct_conn.ptnr2_label_asym_id 
_struct_conn.ptnr2_label_comp_id 
_struct_conn.ptnr2_label_seq_id 
_struct_conn.ptnr2_label_atom_id 
_struct_conn.pdbx_ptnr2_label_alt_id 
_struct_conn.pdbx_ptnr2_PDB_ins_code 
_struct_conn.ptnr1_auth_asym_id 
_struct_conn.ptnr1_auth_comp_id 
_struct_conn.ptnr1_auth_seq_id 
_struct_conn.ptnr2_auth_asym_id 
_struct_conn.ptnr2_auth_comp_id 
_struct_conn.ptnr2_auth_seq_id 
_struct_conn.ptnr2_symmetry 
_struct_conn.pdbx_ptnr3_label_atom_id 
_struct_conn.pdbx_ptnr3_label_seq_id 
_struct_conn.pdbx_ptnr3_label_comp_id 
_struct_conn.pdbx_ptnr3_label_asym_id 
_struct_conn.pdbx_ptnr3_label_alt_id 
_struct_conn.pdbx_ptnr3_PDB_ins_code 
_struct_conn.details 
_struct_conn.pdbx_dist_value 
_struct_conn.pdbx_value_order 
_struct_conn.pdbx_role 
covale1  covale none ? B 232 . C27 ? ? ? 1_555 B 232 . C28 ? ? A 232 7 A 232 7 11_556 ? ? ? ? ? ? ?            1.533 ? ? 
hydrog1  hydrog ?    ? A DC  1 N3  ? ? ? 1_555 A DG  6 N1  ? ? A DC  1 A DG  6 11_556 ? ? ? ? ? ? WATSON-CRICK ?     ? ? 
hydrog2  hydrog ?    ? A DC  1 N4  ? ? ? 1_555 A DG  6 O6  ? ? A DC  1 A DG  6 11_556 ? ? ? ? ? ? WATSON-CRICK ?     ? ? 
hydrog3  hydrog ?    ? A DC  1 O2  ? ? ? 1_555 A DG  6 N2  ? ? A DC  1 A DG  6 11_556 ? ? ? ? ? ? WATSON-CRICK ?     ? ? 
hydrog4  hydrog ?    ? A DG  2 N1  ? ? ? 1_555 A DC  5 N3  ? ? A DG  2 A DC  5 11_556 ? ? ? ? ? ? WATSON-CRICK ?     ? ? 
hydrog5  hydrog ?    ? A DG  2 N2  ? ? ? 1_555 A DC  5 O2  ? ? A DG  2 A DC  5 11_556 ? ? ? ? ? ? WATSON-CRICK ?     ? ? 
hydrog6  hydrog ?    ? A DG  2 O6  ? ? ? 1_555 A DC  5 N4  ? ? A DG  2 A DC  5 11_556 ? ? ? ? ? ? WATSON-CRICK ?     ? ? 
hydrog7  hydrog ?    ? A DT  3 N3  ? ? ? 1_555 A DA  4 N1  ? ? A DT  3 A DA  4 11_556 ? ? ? ? ? ? WATSON-CRICK ?     ? ? 
hydrog8  hydrog ?    ? A DT  3 O4  ? ? ? 1_555 A DA  4 N6  ? ? A DT  3 A DA  4 11_556 ? ? ? ? ? ? WATSON-CRICK ?     ? ? 
hydrog9  hydrog ?    ? A DA  4 N1  ? ? ? 1_555 A DT  3 N3  ? ? A DA  4 A DT  3 11_556 ? ? ? ? ? ? WATSON-CRICK ?     ? ? 
hydrog10 hydrog ?    ? A DA  4 N6  ? ? ? 1_555 A DT  3 O4  ? ? A DA  4 A DT  3 11_556 ? ? ? ? ? ? WATSON-CRICK ?     ? ? 
hydrog11 hydrog ?    ? A DC  5 N3  ? ? ? 1_555 A DG  2 N1  ? ? A DC  5 A DG  2 11_556 ? ? ? ? ? ? WATSON-CRICK ?     ? ? 
hydrog12 hydrog ?    ? A DC  5 N4  ? ? ? 1_555 A DG  2 O6  ? ? A DC  5 A DG  2 11_556 ? ? ? ? ? ? WATSON-CRICK ?     ? ? 
hydrog13 hydrog ?    ? A DC  5 O2  ? ? ? 1_555 A DG  2 N2  ? ? A DC  5 A DG  2 11_556 ? ? ? ? ? ? WATSON-CRICK ?     ? ? 
hydrog14 hydrog ?    ? A DG  6 N1  ? ? ? 1_555 A DC  1 N3  ? ? A DG  6 A DC  1 11_556 ? ? ? ? ? ? WATSON-CRICK ?     ? ? 
hydrog15 hydrog ?    ? A DG  6 N2  ? ? ? 1_555 A DC  1 O2  ? ? A DG  6 A DC  1 11_556 ? ? ? ? ? ? WATSON-CRICK ?     ? ? 
hydrog16 hydrog ?    ? A DG  6 O6  ? ? ? 1_555 A DC  1 N4  ? ? A DG  6 A DC  1 11_556 ? ? ? ? ? ? WATSON-CRICK ?     ? ? 
# 
loop_
_struct_conn_type.id 
_struct_conn_type.criteria 
_struct_conn_type.reference 
covale ? ? 
hydrog ? ? 
# 
loop_
_struct_site.id 
_struct_site.pdbx_evidence_code 
_struct_site.pdbx_auth_asym_id 
_struct_site.pdbx_auth_comp_id 
_struct_site.pdbx_auth_seq_id 
_struct_site.pdbx_auth_ins_code 
_struct_site.pdbx_num_residues 
_struct_site.details 
AC1 Software A 232 7 ? 7 'BINDING SITE FOR RESIDUE 232 A 7' 
1   ?        ? ?   ? ? ? ?                                  
# 
loop_
_struct_site_gen.id 
_struct_site_gen.site_id 
_struct_site_gen.pdbx_num_res 
_struct_site_gen.label_comp_id 
_struct_site_gen.label_asym_id 
_struct_site_gen.label_seq_id 
_struct_site_gen.pdbx_auth_ins_code 
_struct_site_gen.auth_comp_id 
_struct_site_gen.auth_asym_id 
_struct_site_gen.auth_seq_id 
_struct_site_gen.label_atom_id 
_struct_site_gen.label_alt_id 
_struct_site_gen.symmetry 
_struct_site_gen.details 
1 AC1 7 DC A 1 ? DC A 1 . ? 1_555  ? 
2 AC1 7 DG A 2 ? DG A 2 . ? 1_555  ? 
3 AC1 7 DT A 3 ? DT A 3 . ? 1_555  ? 
4 AC1 7 DA A 4 ? DA A 4 . ? 5_565  ? 
5 AC1 7 DC A 5 ? DC A 5 . ? 11_556 ? 
6 AC1 7 DG A 6 ? DG A 6 . ? 11_556 ? 
7 AC1 7 DG A 6 ? DG A 6 . ? 5_555  ? 
# 
loop_
_pdbx_validate_rmsd_bond.id 
_pdbx_validate_rmsd_bond.PDB_model_num 
_pdbx_validate_rmsd_bond.auth_atom_id_1 
_pdbx_validate_rmsd_bond.auth_asym_id_1 
_pdbx_validate_rmsd_bond.auth_comp_id_1 
_pdbx_validate_rmsd_bond.auth_seq_id_1 
_pdbx_validate_rmsd_bond.PDB_ins_code_1 
_pdbx_validate_rmsd_bond.label_alt_id_1 
_pdbx_validate_rmsd_bond.auth_atom_id_2 
_pdbx_validate_rmsd_bond.auth_asym_id_2 
_pdbx_validate_rmsd_bond.auth_comp_id_2 
_pdbx_validate_rmsd_bond.auth_seq_id_2 
_pdbx_validate_rmsd_bond.PDB_ins_code_2 
_pdbx_validate_rmsd_bond.label_alt_id_2 
_pdbx_validate_rmsd_bond.bond_value 
_pdbx_validate_rmsd_bond.bond_target_value 
_pdbx_validate_rmsd_bond.bond_deviation 
_pdbx_validate_rmsd_bond.bond_standard_deviation 
_pdbx_validate_rmsd_bond.linker_flag 
1 1 "C5'" A DC 1 ? ? "C4'" A DC 1 ? ? 1.555 1.512 0.043  0.007 N 
2 1 "C4'" A DG 2 ? ? "C3'" A DG 2 ? ? 1.457 1.521 -0.064 0.010 N 
3 1 C6    A DA 4 ? ? N1    A DA 4 ? ? 1.306 1.351 -0.045 0.007 N 
4 1 N9    A DA 4 ? ? C4    A DA 4 ? ? 1.330 1.374 -0.044 0.006 N 
# 
loop_
_pdbx_validate_rmsd_angle.id 
_pdbx_validate_rmsd_angle.PDB_model_num 
_pdbx_validate_rmsd_angle.auth_atom_id_1 
_pdbx_validate_rmsd_angle.auth_asym_id_1 
_pdbx_validate_rmsd_angle.auth_comp_id_1 
_pdbx_validate_rmsd_angle.auth_seq_id_1 
_pdbx_validate_rmsd_angle.PDB_ins_code_1 
_pdbx_validate_rmsd_angle.label_alt_id_1 
_pdbx_validate_rmsd_angle.auth_atom_id_2 
_pdbx_validate_rmsd_angle.auth_asym_id_2 
_pdbx_validate_rmsd_angle.auth_comp_id_2 
_pdbx_validate_rmsd_angle.auth_seq_id_2 
_pdbx_validate_rmsd_angle.PDB_ins_code_2 
_pdbx_validate_rmsd_angle.label_alt_id_2 
_pdbx_validate_rmsd_angle.auth_atom_id_3 
_pdbx_validate_rmsd_angle.auth_asym_id_3 
_pdbx_validate_rmsd_angle.auth_comp_id_3 
_pdbx_validate_rmsd_angle.auth_seq_id_3 
_pdbx_validate_rmsd_angle.PDB_ins_code_3 
_pdbx_validate_rmsd_angle.label_alt_id_3 
_pdbx_validate_rmsd_angle.angle_value 
_pdbx_validate_rmsd_angle.angle_target_value 
_pdbx_validate_rmsd_angle.angle_deviation 
_pdbx_validate_rmsd_angle.angle_standard_deviation 
_pdbx_validate_rmsd_angle.linker_flag 
1 1 "O5'" A DG 2 ? ? "C5'" A DG 2 ? ? "C4'" A DG 2 ? ? 101.42 109.40 -7.98 0.80 N 
2 1 "O4'" A DG 2 ? ? "C4'" A DG 2 ? ? "C3'" A DG 2 ? ? 110.38 106.00 4.38  0.60 N 
3 1 "O4'" A DT 3 ? ? "C1'" A DT 3 ? ? "C2'" A DT 3 ? ? 100.59 105.90 -5.31 0.80 N 
4 1 N3    A DT 3 ? ? C2    A DT 3 ? ? O2    A DT 3 ? ? 117.57 122.30 -4.73 0.60 N 
5 1 "O4'" A DA 4 ? ? "C1'" A DA 4 ? ? N9    A DA 4 ? ? 102.07 108.00 -5.93 0.70 N 
6 1 N1    A DA 4 ? ? C2    A DA 4 ? ? N3    A DA 4 ? ? 132.89 129.30 3.59  0.50 N 
7 1 C2    A DA 4 ? ? N3    A DA 4 ? ? C4    A DA 4 ? ? 105.91 110.60 -4.69 0.50 N 
# 
_struct_site_keywords.site_id   1 
_struct_site_keywords.text      BIS-INTERCALATION 
# 
_pdbx_struct_special_symmetry.id              1 
_pdbx_struct_special_symmetry.PDB_model_num   1 
_pdbx_struct_special_symmetry.auth_asym_id    A 
_pdbx_struct_special_symmetry.auth_comp_id    232 
_pdbx_struct_special_symmetry.auth_seq_id     7 
_pdbx_struct_special_symmetry.PDB_ins_code    ? 
_pdbx_struct_special_symmetry.label_asym_id   B 
_pdbx_struct_special_symmetry.label_comp_id   232 
_pdbx_struct_special_symmetry.label_seq_id    . 
# 
loop_
_chem_comp_atom.comp_id 
_chem_comp_atom.atom_id 
_chem_comp_atom.type_symbol 
_chem_comp_atom.pdbx_aromatic_flag 
_chem_comp_atom.pdbx_stereo_config 
_chem_comp_atom.pdbx_ordinal 
232 C1     C Y N 1   
232 N2     N Y N 2   
232 C3     C Y N 3   
232 C4     C Y N 4   
232 C5     C Y N 5   
232 C6     C Y N 6   
232 N7     N Y N 7   
232 C8     C Y N 8   
232 C9     C Y N 9   
232 C11    C Y N 10  
232 C12    C Y N 11  
232 C13    C Y N 12  
232 C14    C Y N 13  
232 C15    C Y N 14  
232 C16    C Y N 15  
232 C17    C Y N 16  
232 C19    C N N 17  
232 C10    C Y N 18  
232 O10    O N N 19  
232 C18    C N N 20  
232 C20    C N N 21  
232 N21    N N N 22  
232 C22    C N N 23  
232 C23    C N N 24  
232 C24    C N N 25  
232 C25    C N N 26  
232 C26    C N N 27  
232 C27    C N N 28  
232 C28    C N N 29  
232 "C1'"  C Y N 30  
232 "N2'"  N Y N 31  
232 "C3'"  C Y N 32  
232 "C4'"  C Y N 33  
232 "C5'"  C Y N 34  
232 "C6'"  C Y N 35  
232 "N7'"  N Y N 36  
232 "C8'"  C Y N 37  
232 "C9'"  C Y N 38  
232 "CB'"  C Y N 39  
232 "CC'"  C Y N 40  
232 "CD'"  C Y N 41  
232 "CE'"  C Y N 42  
232 "CF'"  C Y N 43  
232 "CG'"  C Y N 44  
232 "CH'"  C Y N 45  
232 "CJ'"  C N N 46  
232 "CA'"  C Y N 47  
232 "OA'"  O N N 48  
232 "CI'"  C N N 49  
232 "CK'"  C N N 50  
232 "NL'"  N N N 51  
232 "CM'"  C N N 52  
232 "CN'"  C N N 53  
232 "CO'"  C N N 54  
232 "CP'"  C N N 55  
232 "CQ'"  C N N 56  
232 "CR'"  C N N 57  
232 H1     H N N 58  
232 H3     H N N 59  
232 H4     H N N 60  
232 H5     H N N 61  
232 H6     H N N 62  
232 H7     H N N 63  
232 H8     H N N 64  
232 H9     H N N 65  
232 H11    H N N 66  
232 H191   H N N 67  
232 H192   H N N 68  
232 H181   H N N 69  
232 H182   H N N 70  
232 H183   H N N 71  
232 H201   H N N 72  
232 H202   H N N 73  
232 H221   H N N 74  
232 H222   H N N 75  
232 H231   H N N 76  
232 H232   H N N 77  
232 H24    H N N 78  
232 H251   H N N 79  
232 H252   H N N 80  
232 H261   H N N 81  
232 H262   H N N 82  
232 H271   H N N 83  
232 H272   H N N 84  
232 H281   H N N 85  
232 H282   H N N 86  
232 "H1'"  H N N 87  
232 "H3'"  H N N 88  
232 "H4'"  H N N 89  
232 "H5'"  H N N 90  
232 "H6'"  H N N 91  
232 "H7'"  H N N 92  
232 "H8'"  H N N 93  
232 "H9'"  H N N 94  
232 "H11'" H N N 95  
232 H193   H N N 96  
232 H194   H N N 97  
232 H184   H N N 98  
232 H185   H N N 99  
232 H186   H N N 100 
232 H203   H N N 101 
232 H204   H N N 102 
232 H223   H N N 103 
232 H224   H N N 104 
232 H233   H N N 105 
232 H234   H N N 106 
232 "H24'" H N N 107 
232 H253   H N N 108 
232 H254   H N N 109 
232 H263   H N N 110 
232 H264   H N N 111 
232 H273   H N N 112 
232 H274   H N N 113 
DA  OP3    O N N 114 
DA  P      P N N 115 
DA  OP1    O N N 116 
DA  OP2    O N N 117 
DA  "O5'"  O N N 118 
DA  "C5'"  C N N 119 
DA  "C4'"  C N R 120 
DA  "O4'"  O N N 121 
DA  "C3'"  C N S 122 
DA  "O3'"  O N N 123 
DA  "C2'"  C N N 124 
DA  "C1'"  C N R 125 
DA  N9     N Y N 126 
DA  C8     C Y N 127 
DA  N7     N Y N 128 
DA  C5     C Y N 129 
DA  C6     C Y N 130 
DA  N6     N N N 131 
DA  N1     N Y N 132 
DA  C2     C Y N 133 
DA  N3     N Y N 134 
DA  C4     C Y N 135 
DA  HOP3   H N N 136 
DA  HOP2   H N N 137 
DA  "H5'"  H N N 138 
DA  "H5''" H N N 139 
DA  "H4'"  H N N 140 
DA  "H3'"  H N N 141 
DA  "HO3'" H N N 142 
DA  "H2'"  H N N 143 
DA  "H2''" H N N 144 
DA  "H1'"  H N N 145 
DA  H8     H N N 146 
DA  H61    H N N 147 
DA  H62    H N N 148 
DA  H2     H N N 149 
DC  OP3    O N N 150 
DC  P      P N N 151 
DC  OP1    O N N 152 
DC  OP2    O N N 153 
DC  "O5'"  O N N 154 
DC  "C5'"  C N N 155 
DC  "C4'"  C N R 156 
DC  "O4'"  O N N 157 
DC  "C3'"  C N S 158 
DC  "O3'"  O N N 159 
DC  "C2'"  C N N 160 
DC  "C1'"  C N R 161 
DC  N1     N N N 162 
DC  C2     C N N 163 
DC  O2     O N N 164 
DC  N3     N N N 165 
DC  C4     C N N 166 
DC  N4     N N N 167 
DC  C5     C N N 168 
DC  C6     C N N 169 
DC  HOP3   H N N 170 
DC  HOP2   H N N 171 
DC  "H5'"  H N N 172 
DC  "H5''" H N N 173 
DC  "H4'"  H N N 174 
DC  "H3'"  H N N 175 
DC  "HO3'" H N N 176 
DC  "H2'"  H N N 177 
DC  "H2''" H N N 178 
DC  "H1'"  H N N 179 
DC  H41    H N N 180 
DC  H42    H N N 181 
DC  H5     H N N 182 
DC  H6     H N N 183 
DG  OP3    O N N 184 
DG  P      P N N 185 
DG  OP1    O N N 186 
DG  OP2    O N N 187 
DG  "O5'"  O N N 188 
DG  "C5'"  C N N 189 
DG  "C4'"  C N R 190 
DG  "O4'"  O N N 191 
DG  "C3'"  C N S 192 
DG  "O3'"  O N N 193 
DG  "C2'"  C N N 194 
DG  "C1'"  C N R 195 
DG  N9     N Y N 196 
DG  C8     C Y N 197 
DG  N7     N Y N 198 
DG  C5     C Y N 199 
DG  C6     C N N 200 
DG  O6     O N N 201 
DG  N1     N N N 202 
DG  C2     C N N 203 
DG  N2     N N N 204 
DG  N3     N N N 205 
DG  C4     C Y N 206 
DG  HOP3   H N N 207 
DG  HOP2   H N N 208 
DG  "H5'"  H N N 209 
DG  "H5''" H N N 210 
DG  "H4'"  H N N 211 
DG  "H3'"  H N N 212 
DG  "HO3'" H N N 213 
DG  "H2'"  H N N 214 
DG  "H2''" H N N 215 
DG  "H1'"  H N N 216 
DG  H8     H N N 217 
DG  H1     H N N 218 
DG  H21    H N N 219 
DG  H22    H N N 220 
DT  OP3    O N N 221 
DT  P      P N N 222 
DT  OP1    O N N 223 
DT  OP2    O N N 224 
DT  "O5'"  O N N 225 
DT  "C5'"  C N N 226 
DT  "C4'"  C N R 227 
DT  "O4'"  O N N 228 
DT  "C3'"  C N S 229 
DT  "O3'"  O N N 230 
DT  "C2'"  C N N 231 
DT  "C1'"  C N R 232 
DT  N1     N N N 233 
DT  C2     C N N 234 
DT  O2     O N N 235 
DT  N3     N N N 236 
DT  C4     C N N 237 
DT  O4     O N N 238 
DT  C5     C N N 239 
DT  C7     C N N 240 
DT  C6     C N N 241 
DT  HOP3   H N N 242 
DT  HOP2   H N N 243 
DT  "H5'"  H N N 244 
DT  "H5''" H N N 245 
DT  "H4'"  H N N 246 
DT  "H3'"  H N N 247 
DT  "HO3'" H N N 248 
DT  "H2'"  H N N 249 
DT  "H2''" H N N 250 
DT  "H1'"  H N N 251 
DT  H3     H N N 252 
DT  H71    H N N 253 
DT  H72    H N N 254 
DT  H73    H N N 255 
DT  H6     H N N 256 
# 
loop_
_chem_comp_bond.comp_id 
_chem_comp_bond.atom_id_1 
_chem_comp_bond.atom_id_2 
_chem_comp_bond.value_order 
_chem_comp_bond.pdbx_aromatic_flag 
_chem_comp_bond.pdbx_stereo_config 
_chem_comp_bond.pdbx_ordinal 
232 C1    N2     doub Y N 1   
232 C1    C17    sing Y N 2   
232 C1    H1     sing N N 3   
232 N2    C3     sing Y N 4   
232 N2    C19    sing N N 5   
232 C3    C4     doub Y N 6   
232 C3    H3     sing N N 7   
232 C4    C12    sing Y N 8   
232 C4    H4     sing N N 9   
232 C5    C6     doub Y N 10  
232 C5    C12    sing Y N 11  
232 C5    H5     sing N N 12  
232 C6    C13    sing Y N 13  
232 C6    H6     sing N N 14  
232 N7    C13    sing Y N 15  
232 N7    C14    sing Y N 16  
232 N7    H7     sing N N 17  
232 C8    C9     doub Y N 18  
232 C8    C14    sing Y N 19  
232 C8    H8     sing N N 20  
232 C9    C10    sing Y N 21  
232 C9    H9     sing N N 22  
232 C11   C15    sing Y N 23  
232 C11   C10    doub Y N 24  
232 C11   H11    sing N N 25  
232 C12   C17    doub Y N 26  
232 C13   C16    doub Y N 27  
232 C14   C15    doub Y N 28  
232 C15   C16    sing Y N 29  
232 C16   C17    sing Y N 30  
232 C19   C20    sing N N 31  
232 C19   H191   sing N N 32  
232 C19   H192   sing N N 33  
232 C10   O10    sing N N 34  
232 O10   C18    sing N N 35  
232 C18   H181   sing N N 36  
232 C18   H182   sing N N 37  
232 C18   H183   sing N N 38  
232 C20   N21    sing N N 39  
232 C20   H201   sing N N 40  
232 C20   H202   sing N N 41  
232 N21   C22    sing N N 42  
232 N21   C26    sing N N 43  
232 C22   C23    sing N N 44  
232 C22   H221   sing N N 45  
232 C22   H222   sing N N 46  
232 C23   C24    sing N N 47  
232 C23   H231   sing N N 48  
232 C23   H232   sing N N 49  
232 C24   C25    sing N N 50  
232 C24   C27    sing N N 51  
232 C24   H24    sing N N 52  
232 C25   C26    sing N N 53  
232 C25   H251   sing N N 54  
232 C25   H252   sing N N 55  
232 C26   H261   sing N N 56  
232 C26   H262   sing N N 57  
232 C27   C28    sing N N 58  
232 C27   H271   sing N N 59  
232 C27   H272   sing N N 60  
232 C28   "CR'"  sing N N 61  
232 C28   H281   sing N N 62  
232 C28   H282   sing N N 63  
232 "C1'" "N2'"  doub Y N 64  
232 "C1'" "CH'"  sing Y N 65  
232 "C1'" "H1'"  sing N N 66  
232 "N2'" "C3'"  sing Y N 67  
232 "N2'" "CJ'"  sing N N 68  
232 "C3'" "C4'"  doub Y N 69  
232 "C3'" "H3'"  sing N N 70  
232 "C4'" "CC'"  sing Y N 71  
232 "C4'" "H4'"  sing N N 72  
232 "C5'" "C6'"  doub Y N 73  
232 "C5'" "CC'"  sing Y N 74  
232 "C5'" "H5'"  sing N N 75  
232 "C6'" "CD'"  sing Y N 76  
232 "C6'" "H6'"  sing N N 77  
232 "N7'" "CD'"  sing Y N 78  
232 "N7'" "CE'"  sing Y N 79  
232 "N7'" "H7'"  sing N N 80  
232 "C8'" "C9'"  doub Y N 81  
232 "C8'" "CE'"  sing Y N 82  
232 "C8'" "H8'"  sing N N 83  
232 "C9'" "CA'"  sing Y N 84  
232 "C9'" "H9'"  sing N N 85  
232 "CB'" "CF'"  sing Y N 86  
232 "CB'" "CA'"  doub Y N 87  
232 "CB'" "H11'" sing N N 88  
232 "CC'" "CH'"  doub Y N 89  
232 "CD'" "CG'"  doub Y N 90  
232 "CE'" "CF'"  doub Y N 91  
232 "CF'" "CG'"  sing Y N 92  
232 "CG'" "CH'"  sing Y N 93  
232 "CJ'" "CK'"  sing N N 94  
232 "CJ'" H193   sing N N 95  
232 "CJ'" H194   sing N N 96  
232 "CA'" "OA'"  sing N N 97  
232 "OA'" "CI'"  sing N N 98  
232 "CI'" H184   sing N N 99  
232 "CI'" H185   sing N N 100 
232 "CI'" H186   sing N N 101 
232 "CK'" "NL'"  sing N N 102 
232 "CK'" H203   sing N N 103 
232 "CK'" H204   sing N N 104 
232 "NL'" "CM'"  sing N N 105 
232 "NL'" "CQ'"  sing N N 106 
232 "CM'" "CN'"  sing N N 107 
232 "CM'" H223   sing N N 108 
232 "CM'" H224   sing N N 109 
232 "CN'" "CO'"  sing N N 110 
232 "CN'" H233   sing N N 111 
232 "CN'" H234   sing N N 112 
232 "CO'" "CP'"  sing N N 113 
232 "CO'" "CR'"  sing N N 114 
232 "CO'" "H24'" sing N N 115 
232 "CP'" "CQ'"  sing N N 116 
232 "CP'" H253   sing N N 117 
232 "CP'" H254   sing N N 118 
232 "CQ'" H263   sing N N 119 
232 "CQ'" H264   sing N N 120 
232 "CR'" H273   sing N N 121 
232 "CR'" H274   sing N N 122 
DA  OP3   P      sing N N 123 
DA  OP3   HOP3   sing N N 124 
DA  P     OP1    doub N N 125 
DA  P     OP2    sing N N 126 
DA  P     "O5'"  sing N N 127 
DA  OP2   HOP2   sing N N 128 
DA  "O5'" "C5'"  sing N N 129 
DA  "C5'" "C4'"  sing N N 130 
DA  "C5'" "H5'"  sing N N 131 
DA  "C5'" "H5''" sing N N 132 
DA  "C4'" "O4'"  sing N N 133 
DA  "C4'" "C3'"  sing N N 134 
DA  "C4'" "H4'"  sing N N 135 
DA  "O4'" "C1'"  sing N N 136 
DA  "C3'" "O3'"  sing N N 137 
DA  "C3'" "C2'"  sing N N 138 
DA  "C3'" "H3'"  sing N N 139 
DA  "O3'" "HO3'" sing N N 140 
DA  "C2'" "C1'"  sing N N 141 
DA  "C2'" "H2'"  sing N N 142 
DA  "C2'" "H2''" sing N N 143 
DA  "C1'" N9     sing N N 144 
DA  "C1'" "H1'"  sing N N 145 
DA  N9    C8     sing Y N 146 
DA  N9    C4     sing Y N 147 
DA  C8    N7     doub Y N 148 
DA  C8    H8     sing N N 149 
DA  N7    C5     sing Y N 150 
DA  C5    C6     sing Y N 151 
DA  C5    C4     doub Y N 152 
DA  C6    N6     sing N N 153 
DA  C6    N1     doub Y N 154 
DA  N6    H61    sing N N 155 
DA  N6    H62    sing N N 156 
DA  N1    C2     sing Y N 157 
DA  C2    N3     doub Y N 158 
DA  C2    H2     sing N N 159 
DA  N3    C4     sing Y N 160 
DC  OP3   P      sing N N 161 
DC  OP3   HOP3   sing N N 162 
DC  P     OP1    doub N N 163 
DC  P     OP2    sing N N 164 
DC  P     "O5'"  sing N N 165 
DC  OP2   HOP2   sing N N 166 
DC  "O5'" "C5'"  sing N N 167 
DC  "C5'" "C4'"  sing N N 168 
DC  "C5'" "H5'"  sing N N 169 
DC  "C5'" "H5''" sing N N 170 
DC  "C4'" "O4'"  sing N N 171 
DC  "C4'" "C3'"  sing N N 172 
DC  "C4'" "H4'"  sing N N 173 
DC  "O4'" "C1'"  sing N N 174 
DC  "C3'" "O3'"  sing N N 175 
DC  "C3'" "C2'"  sing N N 176 
DC  "C3'" "H3'"  sing N N 177 
DC  "O3'" "HO3'" sing N N 178 
DC  "C2'" "C1'"  sing N N 179 
DC  "C2'" "H2'"  sing N N 180 
DC  "C2'" "H2''" sing N N 181 
DC  "C1'" N1     sing N N 182 
DC  "C1'" "H1'"  sing N N 183 
DC  N1    C2     sing N N 184 
DC  N1    C6     sing N N 185 
DC  C2    O2     doub N N 186 
DC  C2    N3     sing N N 187 
DC  N3    C4     doub N N 188 
DC  C4    N4     sing N N 189 
DC  C4    C5     sing N N 190 
DC  N4    H41    sing N N 191 
DC  N4    H42    sing N N 192 
DC  C5    C6     doub N N 193 
DC  C5    H5     sing N N 194 
DC  C6    H6     sing N N 195 
DG  OP3   P      sing N N 196 
DG  OP3   HOP3   sing N N 197 
DG  P     OP1    doub N N 198 
DG  P     OP2    sing N N 199 
DG  P     "O5'"  sing N N 200 
DG  OP2   HOP2   sing N N 201 
DG  "O5'" "C5'"  sing N N 202 
DG  "C5'" "C4'"  sing N N 203 
DG  "C5'" "H5'"  sing N N 204 
DG  "C5'" "H5''" sing N N 205 
DG  "C4'" "O4'"  sing N N 206 
DG  "C4'" "C3'"  sing N N 207 
DG  "C4'" "H4'"  sing N N 208 
DG  "O4'" "C1'"  sing N N 209 
DG  "C3'" "O3'"  sing N N 210 
DG  "C3'" "C2'"  sing N N 211 
DG  "C3'" "H3'"  sing N N 212 
DG  "O3'" "HO3'" sing N N 213 
DG  "C2'" "C1'"  sing N N 214 
DG  "C2'" "H2'"  sing N N 215 
DG  "C2'" "H2''" sing N N 216 
DG  "C1'" N9     sing N N 217 
DG  "C1'" "H1'"  sing N N 218 
DG  N9    C8     sing Y N 219 
DG  N9    C4     sing Y N 220 
DG  C8    N7     doub Y N 221 
DG  C8    H8     sing N N 222 
DG  N7    C5     sing Y N 223 
DG  C5    C6     sing N N 224 
DG  C5    C4     doub Y N 225 
DG  C6    O6     doub N N 226 
DG  C6    N1     sing N N 227 
DG  N1    C2     sing N N 228 
DG  N1    H1     sing N N 229 
DG  C2    N2     sing N N 230 
DG  C2    N3     doub N N 231 
DG  N2    H21    sing N N 232 
DG  N2    H22    sing N N 233 
DG  N3    C4     sing N N 234 
DT  OP3   P      sing N N 235 
DT  OP3   HOP3   sing N N 236 
DT  P     OP1    doub N N 237 
DT  P     OP2    sing N N 238 
DT  P     "O5'"  sing N N 239 
DT  OP2   HOP2   sing N N 240 
DT  "O5'" "C5'"  sing N N 241 
DT  "C5'" "C4'"  sing N N 242 
DT  "C5'" "H5'"  sing N N 243 
DT  "C5'" "H5''" sing N N 244 
DT  "C4'" "O4'"  sing N N 245 
DT  "C4'" "C3'"  sing N N 246 
DT  "C4'" "H4'"  sing N N 247 
DT  "O4'" "C1'"  sing N N 248 
DT  "C3'" "O3'"  sing N N 249 
DT  "C3'" "C2'"  sing N N 250 
DT  "C3'" "H3'"  sing N N 251 
DT  "O3'" "HO3'" sing N N 252 
DT  "C2'" "C1'"  sing N N 253 
DT  "C2'" "H2'"  sing N N 254 
DT  "C2'" "H2''" sing N N 255 
DT  "C1'" N1     sing N N 256 
DT  "C1'" "H1'"  sing N N 257 
DT  N1    C2     sing N N 258 
DT  N1    C6     sing N N 259 
DT  C2    O2     doub N N 260 
DT  C2    N3     sing N N 261 
DT  N3    C4     sing N N 262 
DT  N3    H3     sing N N 263 
DT  C4    O4     doub N N 264 
DT  C4    C5     sing N N 265 
DT  C5    C7     sing N N 266 
DT  C5    C6     doub N N 267 
DT  C7    H71    sing N N 268 
DT  C7    H72    sing N N 269 
DT  C7    H73    sing N N 270 
DT  C6    H6     sing N N 271 
# 
_ndb_struct_conf_na.entry_id   1C9Z 
_ndb_struct_conf_na.feature    'b-form double helix' 
# 
loop_
_ndb_struct_na_base_pair.model_number 
_ndb_struct_na_base_pair.i_label_asym_id 
_ndb_struct_na_base_pair.i_label_comp_id 
_ndb_struct_na_base_pair.i_label_seq_id 
_ndb_struct_na_base_pair.i_symmetry 
_ndb_struct_na_base_pair.j_label_asym_id 
_ndb_struct_na_base_pair.j_label_comp_id 
_ndb_struct_na_base_pair.j_label_seq_id 
_ndb_struct_na_base_pair.j_symmetry 
_ndb_struct_na_base_pair.shear 
_ndb_struct_na_base_pair.stretch 
_ndb_struct_na_base_pair.stagger 
_ndb_struct_na_base_pair.buckle 
_ndb_struct_na_base_pair.propeller 
_ndb_struct_na_base_pair.opening 
_ndb_struct_na_base_pair.pair_number 
_ndb_struct_na_base_pair.pair_name 
_ndb_struct_na_base_pair.i_auth_asym_id 
_ndb_struct_na_base_pair.i_auth_seq_id 
_ndb_struct_na_base_pair.i_PDB_ins_code 
_ndb_struct_na_base_pair.j_auth_asym_id 
_ndb_struct_na_base_pair.j_auth_seq_id 
_ndb_struct_na_base_pair.j_PDB_ins_code 
_ndb_struct_na_base_pair.hbond_type_28 
_ndb_struct_na_base_pair.hbond_type_12 
1 A DC 1 1_555 A DG 6 11_556 0.589  -0.378 0.685  -6.552 -6.046  0.943  1 A_DC1:DG6_A A 1 ? A 6 ? 19 1 
1 A DG 2 1_555 A DC 5 11_556 -0.252 -0.473 0.131  -6.426 -2.145  -4.641 2 A_DG2:DC5_A A 2 ? A 5 ? 19 1 
1 A DT 3 1_555 A DA 4 11_556 0.246  -0.121 -0.145 4.780  -10.356 -9.422 3 A_DT3:DA4_A A 3 ? A 4 ? 20 1 
1 A DA 4 1_555 A DT 3 11_556 -0.246 -0.121 -0.145 -4.780 -10.356 -9.422 4 A_DA4:DT3_A A 4 ? A 3 ? 20 1 
1 A DC 5 1_555 A DG 2 11_556 0.252  -0.473 0.131  6.426  -2.145  -4.641 5 A_DC5:DG2_A A 5 ? A 2 ? 19 1 
1 A DG 6 1_555 A DC 1 11_556 -0.589 -0.378 0.685  6.553  -6.046  0.943  6 A_DG6:DC1_A A 6 ? A 1 ? 19 1 
# 
loop_
_ndb_struct_na_base_pair_step.model_number 
_ndb_struct_na_base_pair_step.i_label_asym_id_1 
_ndb_struct_na_base_pair_step.i_label_comp_id_1 
_ndb_struct_na_base_pair_step.i_label_seq_id_1 
_ndb_struct_na_base_pair_step.i_symmetry_1 
_ndb_struct_na_base_pair_step.j_label_asym_id_1 
_ndb_struct_na_base_pair_step.j_label_comp_id_1 
_ndb_struct_na_base_pair_step.j_label_seq_id_1 
_ndb_struct_na_base_pair_step.j_symmetry_1 
_ndb_struct_na_base_pair_step.i_label_asym_id_2 
_ndb_struct_na_base_pair_step.i_label_comp_id_2 
_ndb_struct_na_base_pair_step.i_label_seq_id_2 
_ndb_struct_na_base_pair_step.i_symmetry_2 
_ndb_struct_na_base_pair_step.j_label_asym_id_2 
_ndb_struct_na_base_pair_step.j_label_comp_id_2 
_ndb_struct_na_base_pair_step.j_label_seq_id_2 
_ndb_struct_na_base_pair_step.j_symmetry_2 
_ndb_struct_na_base_pair_step.shift 
_ndb_struct_na_base_pair_step.slide 
_ndb_struct_na_base_pair_step.rise 
_ndb_struct_na_base_pair_step.tilt 
_ndb_struct_na_base_pair_step.roll 
_ndb_struct_na_base_pair_step.twist 
_ndb_struct_na_base_pair_step.x_displacement 
_ndb_struct_na_base_pair_step.y_displacement 
_ndb_struct_na_base_pair_step.helical_rise 
_ndb_struct_na_base_pair_step.inclination 
_ndb_struct_na_base_pair_step.tip 
_ndb_struct_na_base_pair_step.helical_twist 
_ndb_struct_na_base_pair_step.step_number 
_ndb_struct_na_base_pair_step.step_name 
_ndb_struct_na_base_pair_step.i_auth_asym_id_1 
_ndb_struct_na_base_pair_step.i_auth_seq_id_1 
_ndb_struct_na_base_pair_step.i_PDB_ins_code_1 
_ndb_struct_na_base_pair_step.j_auth_asym_id_1 
_ndb_struct_na_base_pair_step.j_auth_seq_id_1 
_ndb_struct_na_base_pair_step.j_PDB_ins_code_1 
_ndb_struct_na_base_pair_step.i_auth_asym_id_2 
_ndb_struct_na_base_pair_step.i_auth_seq_id_2 
_ndb_struct_na_base_pair_step.i_PDB_ins_code_2 
_ndb_struct_na_base_pair_step.j_auth_asym_id_2 
_ndb_struct_na_base_pair_step.j_auth_seq_id_2 
_ndb_struct_na_base_pair_step.j_PDB_ins_code_2 
1 A DC 1 1_555 A DG 6 11_556 A DG 2 1_555 A DC 5 11_556 0.078  -0.098 6.815 5.112  0.734  13.460 -1.768 9.295  6.390 2.991  
-20.833 14.413 1 AA_DC1DG2:DC5DG6_AA A 1 ? A 6 ? A 2 ? A 5 ? 
1 A DG 2 1_555 A DC 5 11_556 A DT 3 1_555 A DA 4 11_556 -0.633 -0.218 3.156 1.495  -0.333 34.875 -0.315 1.273  3.129 -0.555 -2.493 
34.907 2 AA_DG2DT3:DA4DC5_AA A 2 ? A 5 ? A 3 ? A 4 ? 
1 A DT 3 1_555 A DA 4 11_556 A DA 4 1_555 A DT 3 11_556 0.000  0.747  3.597 0.000  9.645  37.326 -0.218 0.000  3.671 14.770 0.000 
38.509 3 AA_DT3DA4:DT3DA4_AA A 3 ? A 4 ? A 4 ? A 3 ? 
1 A DA 4 1_555 A DT 3 11_556 A DC 5 1_555 A DG 2 11_556 0.633  -0.218 3.156 -1.495 -0.333 34.875 -0.315 -1.273 3.129 -0.555 2.493 
34.907 4 AA_DA4DC5:DG2DT3_AA A 4 ? A 3 ? A 5 ? A 2 ? 
1 A DC 5 1_555 A DG 2 11_556 A DG 6 1_555 A DC 1 11_556 -0.078 -0.098 6.815 -5.112 0.734  13.460 -1.768 -9.294 6.390 2.991  20.833 
14.413 5 AA_DC5DG6:DC1DG2_AA A 5 ? A 2 ? A 6 ? A 1 ? 
# 
_atom_sites.entry_id                    1C9Z 
_atom_sites.fract_transf_matrix[1][1]   0.00904232 
_atom_sites.fract_transf_matrix[1][2]   0.03203907 
_atom_sites.fract_transf_matrix[1][3]   -0.02374090 
_atom_sites.fract_transf_matrix[2][1]   -0.02887310 
_atom_sites.fract_transf_matrix[2][2]   0.02747607 
_atom_sites.fract_transf_matrix[2][3]   -0.00912800 
_atom_sites.fract_transf_matrix[3][1]   0.00341657 
_atom_sites.fract_transf_matrix[3][2]   0.00729174 
_atom_sites.fract_transf_matrix[3][3]   0.01114171 
_atom_sites.fract_transf_vector[1]      0.384702 
_atom_sites.fract_transf_vector[2]      0.571819 
_atom_sites.fract_transf_vector[3]      0.745814 
# 
loop_
_atom_type.symbol 
C 
N 
O 
P 
# 
loop_
_atom_site.group_PDB 
_atom_site.id 
_atom_site.type_symbol 
_atom_site.label_atom_id 
_atom_site.label_alt_id 
_atom_site.label_comp_id 
_atom_site.label_asym_id 
_atom_site.label_entity_id 
_atom_site.label_seq_id 
_atom_site.pdbx_PDB_ins_code 
_atom_site.Cartn_x 
_atom_site.Cartn_y 
_atom_site.Cartn_z 
_atom_site.occupancy 
_atom_site.B_iso_or_equiv 
_atom_site.pdbx_formal_charge 
_atom_site.auth_seq_id 
_atom_site.auth_comp_id 
_atom_site.auth_asym_id 
_atom_site.auth_atom_id 
_atom_site.pdbx_PDB_model_num 
ATOM   1   O "O5'" . DC  A 1 1 ? -0.238 12.972  3.052  1.00 66.53 ? 1 DC  A "O5'" 1 
ATOM   2   C "C5'" . DC  A 1 1 ? 0.652  13.527  2.065  1.00 64.16 ? 1 DC  A "C5'" 1 
ATOM   3   C "C4'" . DC  A 1 1 ? 1.909  12.654  1.790  1.00 59.37 ? 1 DC  A "C4'" 1 
ATOM   4   O "O4'" . DC  A 1 1 ? 2.664  12.433  2.983  1.00 50.31 ? 1 DC  A "O4'" 1 
ATOM   5   C "C3'" . DC  A 1 1 ? 1.557  11.268  1.253  1.00 57.26 ? 1 DC  A "C3'" 1 
ATOM   6   O "O3'" . DC  A 1 1 ? 1.426  11.373  -0.165 1.00 60.41 ? 1 DC  A "O3'" 1 
ATOM   7   C "C2'" . DC  A 1 1 ? 2.788  10.495  1.640  1.00 51.81 ? 1 DC  A "C2'" 1 
ATOM   8   C "C1'" . DC  A 1 1 ? 3.175  11.107  2.948  1.00 40.87 ? 1 DC  A "C1'" 1 
ATOM   9   N N1    . DC  A 1 1 ? 2.620  10.470  4.117  1.00 26.40 ? 1 DC  A N1    1 
ATOM   10  C C2    . DC  A 1 1 ? 3.347  9.473   4.664  1.00 26.44 ? 1 DC  A C2    1 
ATOM   11  O O2    . DC  A 1 1 ? 4.390  9.083   4.161  1.00 26.37 ? 1 DC  A O2    1 
ATOM   12  N N3    . DC  A 1 1 ? 2.883  8.909   5.796  1.00 27.59 ? 1 DC  A N3    1 
ATOM   13  C C4    . DC  A 1 1 ? 1.749  9.321   6.369  1.00 24.18 ? 1 DC  A C4    1 
ATOM   14  N N4    . DC  A 1 1 ? 1.325  8.717   7.476  1.00 22.36 ? 1 DC  A N4    1 
ATOM   15  C C5    . DC  A 1 1 ? 0.985  10.363  5.798  1.00 26.98 ? 1 DC  A C5    1 
ATOM   16  C C6    . DC  A 1 1 ? 1.486  10.920  4.687  1.00 23.65 ? 1 DC  A C6    1 
ATOM   17  P P     . DG  A 1 2 ? 0.321  10.606  -1.053 1.00 54.90 ? 2 DG  A P     1 
ATOM   18  O OP1   . DG  A 1 2 ? 0.551  11.092  -2.451 1.00 49.83 ? 2 DG  A OP1   1 
ATOM   19  O OP2   . DG  A 1 2 ? -1.027 10.620  -0.397 1.00 44.46 ? 2 DG  A OP2   1 
ATOM   20  O "O5'" . DG  A 1 2 ? 0.859  9.169   -0.860 1.00 47.74 ? 2 DG  A "O5'" 1 
ATOM   21  C "C5'" . DG  A 1 2 ? 0.146  8.219   -1.559 1.00 39.21 ? 2 DG  A "C5'" 1 
ATOM   22  C "C4'" . DG  A 1 2 ? 1.166  7.228   -1.817 1.00 31.31 ? 2 DG  A "C4'" 1 
ATOM   23  O "O4'" . DG  A 1 2 ? 1.424  6.517   -0.611 1.00 29.54 ? 2 DG  A "O4'" 1 
ATOM   24  C "C3'" . DG  A 1 2 ? 0.614  6.334   -2.826 1.00 30.04 ? 2 DG  A "C3'" 1 
ATOM   25  O "O3'" . DG  A 1 2 ? 1.732  5.903   -3.562 1.00 33.42 ? 2 DG  A "O3'" 1 
ATOM   26  C "C2'" . DG  A 1 2 ? -0.038 5.301   -1.960 1.00 26.87 ? 2 DG  A "C2'" 1 
ATOM   27  C "C1'" . DG  A 1 2 ? 0.816  5.234   -0.735 1.00 24.35 ? 2 DG  A "C1'" 1 
ATOM   28  N N9    . DG  A 1 2 ? 0.047  4.975   0.488  1.00 17.51 ? 2 DG  A N9    1 
ATOM   29  C C8    . DG  A 1 2 ? -1.134 5.488   0.949  1.00 12.82 ? 2 DG  A C8    1 
ATOM   30  N N7    . DG  A 1 2 ? -1.485 4.983   2.120  1.00 19.11 ? 2 DG  A N7    1 
ATOM   31  C C5    . DG  A 1 2 ? -0.484 4.084   2.419  1.00 5.53  ? 2 DG  A C5    1 
ATOM   32  C C6    . DG  A 1 2 ? -0.296 3.290   3.512  1.00 10.08 ? 2 DG  A C6    1 
ATOM   33  O O6    . DG  A 1 2 ? -0.964 3.192   4.516  1.00 19.86 ? 2 DG  A O6    1 
ATOM   34  N N1    . DG  A 1 2 ? 0.840  2.570   3.414  1.00 13.68 ? 2 DG  A N1    1 
ATOM   35  C C2    . DG  A 1 2 ? 1.699  2.610   2.374  1.00 11.08 ? 2 DG  A C2    1 
ATOM   36  N N2    . DG  A 1 2 ? 2.753  1.841   2.417  1.00 18.36 ? 2 DG  A N2    1 
ATOM   37  N N3    . DG  A 1 2 ? 1.563  3.368   1.331  1.00 14.79 ? 2 DG  A N3    1 
ATOM   38  C C4    . DG  A 1 2 ? 0.454  4.092   1.438  1.00 11.66 ? 2 DG  A C4    1 
ATOM   39  P P     . DT  A 1 3 ? 1.564  5.000   -4.846 1.00 27.55 ? 3 DT  A P     1 
ATOM   40  O OP1   . DT  A 1 3 ? 2.650  5.376   -5.781 1.00 33.57 ? 3 DT  A OP1   1 
ATOM   41  O OP2   . DT  A 1 3 ? 0.135  5.019   -5.223 1.00 28.25 ? 3 DT  A OP2   1 
ATOM   42  O "O5'" . DT  A 1 3 ? 1.883  3.527   -4.351 1.00 27.19 ? 3 DT  A "O5'" 1 
ATOM   43  C "C5'" . DT  A 1 3 ? 3.254  3.257   -4.055 1.00 23.94 ? 3 DT  A "C5'" 1 
ATOM   44  C "C4'" . DT  A 1 3 ? 3.416  1.958   -3.336 1.00 22.72 ? 3 DT  A "C4'" 1 
ATOM   45  O "O4'" . DT  A 1 3 ? 2.564  1.893   -2.194 1.00 24.92 ? 3 DT  A "O4'" 1 
ATOM   46  C "C3'" . DT  A 1 3 ? 3.015  0.865   -4.254 1.00 23.69 ? 3 DT  A "C3'" 1 
ATOM   47  O "O3'" . DT  A 1 3 ? 4.161  0.026   -4.377 1.00 24.14 ? 3 DT  A "O3'" 1 
ATOM   48  C "C2'" . DT  A 1 3 ? 1.771  0.323   -3.567 1.00 24.38 ? 3 DT  A "C2'" 1 
ATOM   49  C "C1'" . DT  A 1 3 ? 1.983  0.619   -2.115 1.00 18.44 ? 3 DT  A "C1'" 1 
ATOM   50  N N1    . DT  A 1 3 ? 0.783  0.829   -1.281 1.00 16.06 ? 3 DT  A N1    1 
ATOM   51  C C2    . DT  A 1 3 ? 0.801  0.295   -0.035 1.00 10.33 ? 3 DT  A C2    1 
ATOM   52  O O2    . DT  A 1 3 ? 1.708  -0.373  0.417  1.00 21.65 ? 3 DT  A O2    1 
ATOM   53  N N3    . DT  A 1 3 ? -0.256 0.509   0.746  1.00 19.03 ? 3 DT  A N3    1 
ATOM   54  C C4    . DT  A 1 3 ? -1.347 1.209   0.389  1.00 18.77 ? 3 DT  A C4    1 
ATOM   55  O O4    . DT  A 1 3 ? -2.227 1.340   1.210  1.00 24.63 ? 3 DT  A O4    1 
ATOM   56  C C5    . DT  A 1 3 ? -1.331 1.746   -0.924 1.00 16.29 ? 3 DT  A C5    1 
ATOM   57  C C7    . DT  A 1 3 ? -2.510 2.536   -1.415 1.00 15.86 ? 3 DT  A C7    1 
ATOM   58  C C6    . DT  A 1 3 ? -0.269 1.569   -1.699 1.00 13.61 ? 3 DT  A C6    1 
ATOM   59  P P     . DA  A 1 4 ? 4.181  -1.266  -5.280 1.00 30.41 ? 4 DA  A P     1 
ATOM   60  O OP1   . DA  A 1 4 ? 5.581  -1.453  -5.691 1.00 33.14 ? 4 DA  A OP1   1 
ATOM   61  O OP2   . DA  A 1 4 ? 3.074  -1.192  -6.265 1.00 26.97 ? 4 DA  A OP2   1 
ATOM   62  O "O5'" . DA  A 1 4 ? 3.880  -2.445  -4.265 1.00 24.37 ? 4 DA  A "O5'" 1 
ATOM   63  C "C5'" . DA  A 1 4 ? 4.910  -2.873  -3.398 1.00 13.52 ? 4 DA  A "C5'" 1 
ATOM   64  C "C4'" . DA  A 1 4 ? 4.497  -4.055  -2.552 1.00 14.44 ? 4 DA  A "C4'" 1 
ATOM   65  O "O4'" . DA  A 1 4 ? 3.350  -3.659  -1.815 1.00 20.29 ? 4 DA  A "O4'" 1 
ATOM   66  C "C3'" . DA  A 1 4 ? 4.061  -5.204  -3.405 1.00 23.48 ? 4 DA  A "C3'" 1 
ATOM   67  O "O3'" . DA  A 1 4 ? 4.476  -6.427  -2.822 1.00 34.82 ? 4 DA  A "O3'" 1 
ATOM   68  C "C2'" . DA  A 1 4 ? 2.572  -5.061  -3.415 1.00 19.04 ? 4 DA  A "C2'" 1 
ATOM   69  C "C1'" . DA  A 1 4 ? 2.308  -4.559  -2.053 1.00 12.81 ? 4 DA  A "C1'" 1 
ATOM   70  N N9    . DA  A 1 4 ? 1.173  -3.705  -2.061 1.00 7.19  ? 4 DA  A N9    1 
ATOM   71  C C8    . DA  A 1 4 ? 0.680  -2.802  -2.976 1.00 6.02  ? 4 DA  A C8    1 
ATOM   72  N N7    . DA  A 1 4 ? -0.407 -2.188  -2.577 1.00 15.48 ? 4 DA  A N7    1 
ATOM   73  C C5    . DA  A 1 4 ? -0.616 -2.749  -1.301 1.00 7.86  ? 4 DA  A C5    1 
ATOM   74  C C6    . DA  A 1 4 ? -1.608 -2.587  -0.353 1.00 9.26  ? 4 DA  A C6    1 
ATOM   75  N N6    . DA  A 1 4 ? -2.611 -1.753  -0.477 1.00 12.37 ? 4 DA  A N6    1 
ATOM   76  N N1    . DA  A 1 4 ? -1.531 -3.295  0.742  1.00 9.94  ? 4 DA  A N1    1 
ATOM   77  C C2    . DA  A 1 4 ? -0.502 -4.121  0.861  1.00 12.87 ? 4 DA  A C2    1 
ATOM   78  N N3    . DA  A 1 4 ? 0.530  -4.389  0.082  1.00 10.08 ? 4 DA  A N3    1 
ATOM   79  C C4    . DA  A 1 4 ? 0.370  -3.644  -1.003 1.00 11.82 ? 4 DA  A C4    1 
ATOM   80  P P     . DC  A 1 5 ? 4.325  -7.794  -3.674 1.00 34.10 ? 5 DC  A P     1 
ATOM   81  O OP1   . DC  A 1 5 ? 5.493  -8.618  -3.309 1.00 25.13 ? 5 DC  A OP1   1 
ATOM   82  O OP2   . DC  A 1 5 ? 4.017  -7.466  -5.089 1.00 31.98 ? 5 DC  A OP2   1 
ATOM   83  O "O5'" . DC  A 1 5 ? 3.007  -8.462  -3.059 1.00 31.25 ? 5 DC  A "O5'" 1 
ATOM   84  C "C5'" . DC  A 1 5 ? 2.976  -8.956  -1.706 1.00 28.04 ? 5 DC  A "C5'" 1 
ATOM   85  C "C4'" . DC  A 1 5 ? 1.575  -9.185  -1.178 1.00 23.39 ? 5 DC  A "C4'" 1 
ATOM   86  O "O4'" . DC  A 1 5 ? 0.840  -7.977  -1.175 1.00 27.28 ? 5 DC  A "O4'" 1 
ATOM   87  C "C3'" . DC  A 1 5 ? 0.851  -10.117 -2.086 1.00 25.87 ? 5 DC  A "C3'" 1 
ATOM   88  O "O3'" . DC  A 1 5 ? 0.870  -11.445 -1.544 1.00 31.64 ? 5 DC  A "O3'" 1 
ATOM   89  C "C2'" . DC  A 1 5 ? -0.500 -9.500  -2.189 1.00 21.49 ? 5 DC  A "C2'" 1 
ATOM   90  C "C1'" . DC  A 1 5 ? -0.504 -8.340  -1.213 1.00 18.11 ? 5 DC  A "C1'" 1 
ATOM   91  N N1    . DC  A 1 5 ? -1.210 -7.209  -1.786 1.00 16.46 ? 5 DC  A N1    1 
ATOM   92  C C2    . DC  A 1 5 ? -2.234 -6.669  -1.062 1.00 20.18 ? 5 DC  A C2    1 
ATOM   93  O O2    . DC  A 1 5 ? -2.511 -7.134  0.031  1.00 17.14 ? 5 DC  A O2    1 
ATOM   94  N N3    . DC  A 1 5 ? -2.956 -5.632  -1.599 1.00 21.78 ? 5 DC  A N3    1 
ATOM   95  C C4    . DC  A 1 5 ? -2.656 -5.170  -2.829 1.00 20.26 ? 5 DC  A C4    1 
ATOM   96  N N4    . DC  A 1 5 ? -3.351 -4.161  -3.333 1.00 13.30 ? 5 DC  A N4    1 
ATOM   97  C C5    . DC  A 1 5 ? -1.591 -5.728  -3.596 1.00 14.40 ? 5 DC  A C5    1 
ATOM   98  C C6    . DC  A 1 5 ? -0.899 -6.742  -3.034 1.00 19.31 ? 5 DC  A C6    1 
ATOM   99  P P     . DG  A 1 6 ? 0.492  -12.653 -2.526 1.00 36.19 ? 6 DG  A P     1 
ATOM   100 O OP1   . DG  A 1 6 ? 1.278  -13.822 -2.085 1.00 38.04 ? 6 DG  A OP1   1 
ATOM   101 O OP2   . DG  A 1 6 ? 0.531  -12.211 -3.938 1.00 28.55 ? 6 DG  A OP2   1 
ATOM   102 O "O5'" . DG  A 1 6 ? -1.048 -12.913 -2.276 1.00 30.80 ? 6 DG  A "O5'" 1 
ATOM   103 C "C5'" . DG  A 1 6 ? -1.492 -13.758 -1.235 1.00 27.36 ? 6 DG  A "C5'" 1 
ATOM   104 C "C4'" . DG  A 1 6 ? -2.896 -14.213 -1.507 1.00 25.05 ? 6 DG  A "C4'" 1 
ATOM   105 O "O4'" . DG  A 1 6 ? -3.666 -13.055 -1.788 1.00 26.66 ? 6 DG  A "O4'" 1 
ATOM   106 C "C3'" . DG  A 1 6 ? -3.023 -15.073 -2.747 1.00 26.78 ? 6 DG  A "C3'" 1 
ATOM   107 O "O3'" . DG  A 1 6 ? -2.795 -16.473 -2.481 1.00 31.73 ? 6 DG  A "O3'" 1 
ATOM   108 C "C2'" . DG  A 1 6 ? -4.479 -14.841 -3.051 1.00 23.05 ? 6 DG  A "C2'" 1 
ATOM   109 C "C1'" . DG  A 1 6 ? -4.858 -13.541 -2.368 1.00 20.54 ? 6 DG  A "C1'" 1 
ATOM   110 N N9    . DG  A 1 6 ? -5.340 -12.549 -3.300 1.00 14.29 ? 6 DG  A N9    1 
ATOM   111 C C8    . DG  A 1 6 ? -4.815 -12.218 -4.498 1.00 9.14  ? 6 DG  A C8    1 
ATOM   112 N N7    . DG  A 1 6 ? -5.502 -11.317 -5.128 1.00 18.14 ? 6 DG  A N7    1 
ATOM   113 C C5    . DG  A 1 6 ? -6.522 -11.024 -4.252 1.00 18.52 ? 6 DG  A C5    1 
ATOM   114 C C6    . DG  A 1 6 ? -7.545 -10.098 -4.373 1.00 27.61 ? 6 DG  A C6    1 
ATOM   115 O O6    . DG  A 1 6 ? -7.744 -9.348  -5.321 1.00 34.43 ? 6 DG  A O6    1 
ATOM   116 N N1    . DG  A 1 6 ? -8.373 -10.085 -3.260 1.00 26.78 ? 6 DG  A N1    1 
ATOM   117 C C2    . DG  A 1 6 ? -8.218 -10.856 -2.170 1.00 20.65 ? 6 DG  A C2    1 
ATOM   118 N N2    . DG  A 1 6 ? -9.110 -10.715 -1.228 1.00 17.87 ? 6 DG  A N2    1 
ATOM   119 N N3    . DG  A 1 6 ? -7.243 -11.738 -2.036 1.00 25.61 ? 6 DG  A N3    1 
ATOM   120 C C4    . DG  A 1 6 ? -6.429 -11.762 -3.122 1.00 16.73 ? 6 DG  A C4    1 
HETATM 121 C C1    . 232 B 2 . ? 0.032  6.456   5.255  1.00 24.10 ? 7 232 A C1    1 
HETATM 122 N N2    . 232 B 2 . ? -0.884 7.274   4.674  1.00 28.30 ? 7 232 A N2    1 
HETATM 123 C C3    . 232 B 2 . ? -0.680 7.871   3.480  1.00 23.98 ? 7 232 A C3    1 
HETATM 124 C C4    . 232 B 2 . ? 0.469  7.666   2.805  1.00 25.85 ? 7 232 A C4    1 
HETATM 125 C C5    . 232 B 2 . ? 2.629  6.638   2.640  1.00 22.44 ? 7 232 A C5    1 
HETATM 126 C C6    . 232 B 2 . ? 3.590  5.841   3.165  1.00 17.91 ? 7 232 A C6    1 
HETATM 127 N N7    . 232 B 2 . ? 4.239  4.412   5.157  1.00 20.52 ? 7 232 A N7    1 
HETATM 128 C C8    . 232 B 2 . ? 4.009  3.250   7.371  1.00 18.01 ? 7 232 A C8    1 
HETATM 129 C C9    . 232 B 2 . ? 3.236  3.061   8.460  1.00 22.86 ? 7 232 A C9    1 
HETATM 130 C C11   . 232 B 2 . ? 1.516  4.540   7.430  1.00 15.48 ? 7 232 A C11   1 
HETATM 131 C C12   . 232 B 2 . ? 1.450  6.848   3.371  1.00 24.02 ? 7 232 A C12   1 
HETATM 132 C C13   . 232 B 2 . ? 3.412  5.242   4.419  1.00 18.22 ? 7 232 A C13   1 
HETATM 133 C C14   . 232 B 2 . ? 3.582  4.056   6.316  1.00 11.10 ? 7 232 A C14   1 
HETATM 134 C C15   . 232 B 2 . ? 2.359  4.710   6.327  1.00 14.23 ? 7 232 A C15   1 
HETATM 135 C C16   . 232 B 2 . ? 2.241  5.427   5.148  1.00 16.11 ? 7 232 A C16   1 
HETATM 136 C C17   . 232 B 2 . ? 1.246  6.223   4.604  1.00 21.89 ? 7 232 A C17   1 
HETATM 137 C C19   . 232 B 2 . ? -2.227 7.538   5.343  1.00 32.60 ? 7 232 A C19   1 
HETATM 138 C C10   . 232 B 2 . ? 1.963  3.708   8.530  1.00 22.48 ? 7 232 A C10   1 
HETATM 139 O O10   . 232 B 2 . ? 1.254  3.446   9.712  1.00 35.40 ? 7 232 A O10   1 
HETATM 140 C C18   . 232 B 2 . ? 0.024  4.074   9.777  1.00 39.05 ? 7 232 A C18   1 
HETATM 141 C C20   . 232 B 2 . ? -3.108 6.266   5.358  1.00 26.89 ? 7 232 A C20   1 
HETATM 142 N N21   . 232 B 2 . ? -3.572 5.737   4.032  1.00 33.74 ? 7 232 A N21   1 
HETATM 143 C C22   . 232 B 2 . ? -4.161 4.396   4.277  1.00 32.49 ? 7 232 A C22   1 
HETATM 144 C C23   . 232 B 2 . ? -4.482 3.661   2.973  1.00 26.64 ? 7 232 A C23   1 
HETATM 145 C C24   . 232 B 2 . ? -5.478 4.467   2.141  1.00 28.70 ? 7 232 A C24   1 
HETATM 146 C C25   . 232 B 2 . ? -5.076 5.970   1.995  1.00 25.72 ? 7 232 A C25   1 
HETATM 147 C C26   . 232 B 2 . ? -4.583 6.601   3.340  1.00 30.34 ? 7 232 A C26   1 
HETATM 148 C C27   . 232 B 2 . ? -5.383 3.839   0.767  1.00 35.95 ? 7 232 A C27   1 
HETATM 149 C C28   . 232 B 2 . ? -6.748 3.453   0.186  0.50 40.01 ? 7 232 A C28   1 
# 
